data_1E24
#
_entry.id   1E24
#
_cell.length_a   143.600
_cell.length_b   143.600
_cell.length_c   177.230
_cell.angle_alpha   90.00
_cell.angle_beta   90.00
_cell.angle_gamma   120.00
#
_symmetry.space_group_name_H-M   'P 61 2 2'
#
loop_
_entity.id
_entity.type
_entity.pdbx_description
1 polymer 'LYSYL-TRNA SYNTHETASE'
2 non-polymer LYSINE
3 non-polymer "ADENOSINE-5'-TRIPHOSPHATE"
4 non-polymer 'MANGANESE (II) ION'
5 non-polymer GLYCEROL
6 water water
#
_entity_poly.entity_id   1
_entity_poly.type   'polypeptide(L)'
_entity_poly.pdbx_seq_one_letter_code
;SEQETRGANEAIDFNDELRNRREKLAALRQQGVAFPNDFRRDHTSDQLHEEFDAKDNQELESLNIEVSVAGRMMTRRIMG
KASFVTLQDVGGRIQLYVARDSLPEGVYNDQFKKWDLGDIIGARGTLFKTQTGELSIHCTELRLLTKALRPLPDKFHGLQ
DQEVRYRQRYLDLIANDKSRQTFVVRSKILAAIRQFMVARGFMEVETPMMQVIPGGASARPFITHHNALDLDMYLRIAPE
LYLKRLVVGGFERVFEINRNFRNEGISVRHNPEFTMMELYMAYADYHDLIELTESLFRTLAQEVLGTTKVTYGEHVFDFG
KPFEKLTMREAIKKYRPETDMADLDNFDAAKALAESIGITVEKSWGLGRIVTEIFDEVAEAHLIQPTFITEYPAEVSPLA
RRNDVNPEITDRFEFFIGGREIGNGFSELNDAEDQAERFQEQVNAKAAGDDEAMFYDEDYVTALEYGLPPTAGLGIGIDR
MIMLFTNSHTIRDVILFPAMRPQK
;
_entity_poly.pdbx_strand_id   A
#
# COMPACT_ATOMS: atom_id res chain seq x y z
N ALA A 11 -21.32 20.49 -23.57
CA ALA A 11 -21.29 19.39 -24.53
C ALA A 11 -20.18 19.60 -25.55
N ILE A 12 -20.37 20.60 -26.42
CA ILE A 12 -19.40 20.93 -27.44
C ILE A 12 -18.45 22.00 -26.87
N ASP A 13 -18.78 22.49 -25.67
CA ASP A 13 -17.96 23.50 -25.01
C ASP A 13 -16.61 22.92 -24.59
N PHE A 14 -16.55 21.60 -24.47
CA PHE A 14 -15.31 20.90 -24.10
C PHE A 14 -14.42 20.81 -25.33
N ASN A 15 -15.04 20.60 -26.49
CA ASN A 15 -14.31 20.49 -27.74
C ASN A 15 -13.76 21.82 -28.20
N ASP A 16 -14.35 22.90 -27.70
CA ASP A 16 -13.89 24.24 -28.05
C ASP A 16 -12.75 24.59 -27.11
N GLU A 17 -12.72 23.92 -25.96
CA GLU A 17 -11.67 24.12 -24.98
C GLU A 17 -10.42 23.49 -25.56
N LEU A 18 -10.61 22.31 -26.16
CA LEU A 18 -9.52 21.58 -26.77
C LEU A 18 -8.96 22.33 -27.98
N ARG A 19 -9.84 22.89 -28.79
CA ARG A 19 -9.43 23.63 -29.98
C ARG A 19 -8.69 24.89 -29.59
N ASN A 20 -9.23 25.60 -28.60
CA ASN A 20 -8.63 26.83 -28.12
C ASN A 20 -7.22 26.62 -27.57
N ARG A 21 -7.03 25.50 -26.89
CA ARG A 21 -5.73 25.18 -26.31
C ARG A 21 -4.74 24.82 -27.42
N ARG A 22 -5.19 24.06 -28.42
CA ARG A 22 -4.30 23.69 -29.53
C ARG A 22 -3.88 24.93 -30.33
N GLU A 23 -4.80 25.88 -30.50
CA GLU A 23 -4.51 27.10 -31.24
C GLU A 23 -3.54 27.98 -30.48
N LYS A 24 -3.66 27.99 -29.16
CA LYS A 24 -2.78 28.77 -28.30
C LYS A 24 -1.37 28.18 -28.37
N LEU A 25 -1.29 26.86 -28.42
CA LEU A 25 -0.01 26.17 -28.52
C LEU A 25 0.61 26.44 -29.89
N ALA A 26 -0.19 26.35 -30.95
CA ALA A 26 0.33 26.62 -32.29
C ALA A 26 1.03 27.97 -32.30
N ALA A 27 0.41 28.95 -31.62
CA ALA A 27 0.98 30.29 -31.53
C ALA A 27 2.31 30.30 -30.78
N LEU A 28 2.44 29.42 -29.78
CA LEU A 28 3.67 29.35 -29.00
C LEU A 28 4.78 28.77 -29.87
N ARG A 29 4.43 27.81 -30.71
CA ARG A 29 5.38 27.17 -31.60
C ARG A 29 5.95 28.19 -32.59
N GLN A 30 5.10 29.13 -33.03
CA GLN A 30 5.57 30.14 -33.97
C GLN A 30 6.53 31.14 -33.34
N GLN A 31 6.43 31.31 -32.03
CA GLN A 31 7.31 32.23 -31.30
C GLN A 31 8.66 31.61 -30.97
N GLY A 32 8.73 30.29 -31.01
CA GLY A 32 9.98 29.64 -30.69
C GLY A 32 9.76 28.29 -30.04
N VAL A 33 10.49 28.04 -28.95
CA VAL A 33 10.35 26.77 -28.25
C VAL A 33 9.18 26.82 -27.28
N ALA A 34 8.12 26.11 -27.66
CA ALA A 34 6.88 26.06 -26.88
C ALA A 34 7.04 25.44 -25.50
N PHE A 35 7.90 24.43 -25.38
CA PHE A 35 8.11 23.75 -24.11
C PHE A 35 9.51 23.97 -23.53
N PRO A 36 9.68 25.07 -22.79
CA PRO A 36 11.00 25.35 -22.20
C PRO A 36 11.28 24.45 -20.98
N ASN A 37 12.51 24.52 -20.50
CA ASN A 37 12.93 23.81 -19.29
C ASN A 37 14.05 24.71 -18.81
N ASP A 38 13.65 25.79 -18.15
CA ASP A 38 14.58 26.80 -17.69
C ASP A 38 14.24 27.43 -16.33
N PHE A 39 12.94 27.65 -16.07
CA PHE A 39 12.53 28.26 -14.79
C PHE A 39 12.86 27.39 -13.58
N ARG A 40 13.37 28.03 -12.53
CA ARG A 40 13.73 27.31 -11.31
C ARG A 40 13.10 27.97 -10.09
N ARG A 41 12.45 27.14 -9.27
CA ARG A 41 11.79 27.64 -8.07
C ARG A 41 12.70 27.38 -6.87
N ASP A 42 12.41 28.04 -5.76
CA ASP A 42 13.23 27.83 -4.58
C ASP A 42 12.37 27.52 -3.35
N HIS A 43 11.06 27.41 -3.56
CA HIS A 43 10.11 27.14 -2.47
C HIS A 43 8.87 26.40 -2.96
N THR A 44 8.27 25.60 -2.08
CA THR A 44 7.02 24.93 -2.40
C THR A 44 6.02 25.57 -1.44
N SER A 45 4.73 25.54 -1.78
CA SER A 45 3.68 26.15 -0.97
C SER A 45 3.71 25.78 0.52
N ASP A 46 3.86 24.49 0.80
CA ASP A 46 3.88 24.04 2.18
C ASP A 46 4.98 24.74 2.98
N GLN A 47 6.15 24.93 2.36
CA GLN A 47 7.27 25.59 3.03
C GLN A 47 6.94 27.04 3.35
N LEU A 48 6.36 27.75 2.39
CA LEU A 48 6.00 29.14 2.58
C LEU A 48 4.99 29.33 3.71
N HIS A 49 3.97 28.48 3.74
CA HIS A 49 2.94 28.56 4.76
C HIS A 49 3.52 28.24 6.14
N GLU A 50 4.29 27.17 6.22
CA GLU A 50 4.90 26.77 7.48
C GLU A 50 5.73 27.88 8.07
N GLU A 51 6.55 28.52 7.24
CA GLU A 51 7.41 29.57 7.73
C GLU A 51 6.81 30.97 7.86
N PHE A 52 5.85 31.32 7.00
CA PHE A 52 5.29 32.66 7.05
C PHE A 52 3.83 32.86 7.39
N ASP A 53 3.06 31.79 7.47
CA ASP A 53 1.65 31.95 7.78
C ASP A 53 1.47 32.77 9.05
N ALA A 54 2.38 32.55 10.01
CA ALA A 54 2.33 33.23 11.31
C ALA A 54 2.73 34.71 11.34
N LYS A 55 3.20 35.25 10.23
CA LYS A 55 3.59 36.65 10.21
C LYS A 55 2.50 37.51 9.59
N ASP A 56 2.31 38.72 10.14
CA ASP A 56 1.31 39.63 9.62
C ASP A 56 1.95 40.47 8.53
N ASN A 57 1.12 41.23 7.82
CA ASN A 57 1.62 42.06 6.73
C ASN A 57 2.71 43.05 7.12
N GLN A 58 2.71 43.47 8.39
CA GLN A 58 3.72 44.41 8.87
C GLN A 58 5.09 43.74 8.81
N GLU A 59 5.19 42.56 9.43
CA GLU A 59 6.46 41.81 9.45
C GLU A 59 6.90 41.48 8.04
N LEU A 60 6.03 40.81 7.29
CA LEU A 60 6.36 40.43 5.92
C LEU A 60 6.81 41.62 5.11
N GLU A 61 6.19 42.78 5.35
CA GLU A 61 6.55 43.98 4.61
C GLU A 61 7.99 44.38 4.89
N SER A 62 8.36 44.42 6.17
CA SER A 62 9.71 44.78 6.56
C SER A 62 10.71 43.68 6.17
N LEU A 63 10.25 42.42 6.19
CA LEU A 63 11.10 41.30 5.84
C LEU A 63 11.41 41.28 4.33
N ASN A 64 10.48 41.81 3.53
CA ASN A 64 10.65 41.89 2.06
C ASN A 64 11.27 40.64 1.44
N ILE A 65 10.66 39.49 1.67
CA ILE A 65 11.14 38.22 1.14
C ILE A 65 10.68 37.88 -0.27
N GLU A 66 11.62 37.67 -1.18
CA GLU A 66 11.29 37.29 -2.55
C GLU A 66 11.46 35.78 -2.69
N VAL A 67 10.52 35.12 -3.36
CA VAL A 67 10.58 33.67 -3.54
C VAL A 67 10.16 33.28 -4.95
N SER A 68 10.47 32.05 -5.34
CA SER A 68 10.10 31.54 -6.67
C SER A 68 9.33 30.25 -6.51
N VAL A 69 8.17 30.16 -7.15
CA VAL A 69 7.34 28.96 -7.08
C VAL A 69 6.92 28.52 -8.47
N ALA A 70 6.41 27.31 -8.59
CA ALA A 70 5.95 26.80 -9.87
C ALA A 70 4.90 25.75 -9.59
N GLY A 71 3.94 25.64 -10.50
CA GLY A 71 2.87 24.67 -10.32
C GLY A 71 1.76 24.88 -11.31
N ARG A 72 0.63 24.23 -11.05
CA ARG A 72 -0.53 24.29 -11.92
C ARG A 72 -1.46 25.44 -11.56
N MET A 73 -1.92 26.19 -12.57
CA MET A 73 -2.85 27.28 -12.32
C MET A 73 -4.24 26.67 -12.12
N MET A 74 -4.67 26.65 -10.86
CA MET A 74 -5.96 26.05 -10.51
C MET A 74 -7.13 27.02 -10.61
N THR A 75 -6.89 28.28 -10.26
CA THR A 75 -7.94 29.28 -10.36
C THR A 75 -7.32 30.61 -10.76
N ARG A 76 -8.10 31.41 -11.49
CA ARG A 76 -7.65 32.72 -11.94
C ARG A 76 -8.87 33.64 -12.00
N ARG A 77 -8.77 34.79 -11.35
CA ARG A 77 -9.86 35.77 -11.33
C ARG A 77 -9.30 37.08 -11.85
N ILE A 78 -9.61 37.40 -13.10
CA ILE A 78 -9.14 38.64 -13.71
C ILE A 78 -10.05 39.83 -13.40
N MET A 79 -9.51 40.79 -12.65
CA MET A 79 -10.25 41.97 -12.25
C MET A 79 -9.65 43.23 -12.88
N GLY A 80 -9.48 43.20 -14.20
CA GLY A 80 -8.91 44.35 -14.88
C GLY A 80 -7.39 44.32 -14.93
N LYS A 81 -6.77 45.32 -14.32
CA LYS A 81 -5.32 45.41 -14.30
C LYS A 81 -4.68 44.58 -13.19
N ALA A 82 -5.50 43.83 -12.46
CA ALA A 82 -5.01 42.97 -11.40
C ALA A 82 -5.81 41.67 -11.39
N SER A 83 -5.15 40.58 -11.04
CA SER A 83 -5.78 39.26 -10.99
C SER A 83 -5.30 38.48 -9.77
N PHE A 84 -6.05 37.45 -9.41
CA PHE A 84 -5.74 36.61 -8.26
C PHE A 84 -5.72 35.18 -8.76
N VAL A 85 -4.64 34.48 -8.45
CA VAL A 85 -4.46 33.11 -8.90
C VAL A 85 -4.13 32.14 -7.78
N THR A 86 -4.62 30.91 -7.91
CA THR A 86 -4.34 29.87 -6.96
C THR A 86 -3.38 28.96 -7.70
N LEU A 87 -2.17 28.82 -7.17
CA LEU A 87 -1.16 27.95 -7.77
C LEU A 87 -1.05 26.70 -6.90
N GLN A 88 -1.11 25.53 -7.53
CA GLN A 88 -1.01 24.27 -6.79
C GLN A 88 0.27 23.49 -7.12
N ASP A 89 1.10 23.24 -6.12
CA ASP A 89 2.33 22.48 -6.34
C ASP A 89 2.35 21.21 -5.47
N VAL A 90 3.51 20.57 -5.39
CA VAL A 90 3.62 19.34 -4.62
C VAL A 90 3.23 19.53 -3.15
N GLY A 91 3.44 20.72 -2.61
CA GLY A 91 3.12 20.95 -1.22
C GLY A 91 1.72 21.45 -0.92
N GLY A 92 0.98 21.87 -1.94
CA GLY A 92 -0.36 22.37 -1.73
C GLY A 92 -0.65 23.58 -2.58
N ARG A 93 -1.30 24.58 -1.99
CA ARG A 93 -1.65 25.78 -2.74
C ARG A 93 -1.15 27.08 -2.12
N ILE A 94 -0.86 28.05 -2.97
CA ILE A 94 -0.39 29.36 -2.52
C ILE A 94 -1.04 30.38 -3.44
N GLN A 95 -1.35 31.55 -2.90
CA GLN A 95 -1.98 32.61 -3.69
C GLN A 95 -0.98 33.48 -4.41
N LEU A 96 -1.33 33.89 -5.62
CA LEU A 96 -0.47 34.77 -6.42
C LEU A 96 -1.22 36.04 -6.72
N TYR A 97 -0.54 37.17 -6.61
CA TYR A 97 -1.16 38.44 -6.92
C TYR A 97 -0.50 38.92 -8.21
N VAL A 98 -1.26 38.89 -9.31
CA VAL A 98 -0.77 39.27 -10.61
C VAL A 98 -1.29 40.63 -11.09
N ALA A 99 -0.40 41.60 -11.22
CA ALA A 99 -0.77 42.94 -11.66
C ALA A 99 -0.01 43.39 -12.90
N ARG A 100 -0.73 44.01 -13.83
CA ARG A 100 -0.14 44.51 -15.06
C ARG A 100 1.15 45.30 -14.87
N ASP A 101 1.14 46.23 -13.92
CA ASP A 101 2.29 47.09 -13.67
C ASP A 101 3.35 46.53 -12.73
N SER A 102 3.15 45.30 -12.25
CA SER A 102 4.13 44.68 -11.36
C SER A 102 5.01 43.74 -12.19
N LEU A 103 4.47 43.27 -13.31
CA LEU A 103 5.19 42.37 -14.19
C LEU A 103 5.80 43.14 -15.36
N PRO A 104 6.77 42.54 -16.06
CA PRO A 104 7.40 43.21 -17.20
C PRO A 104 6.37 43.58 -18.26
N GLU A 105 6.65 44.65 -18.99
CA GLU A 105 5.74 45.15 -20.02
C GLU A 105 5.19 44.09 -20.95
N GLY A 106 3.87 44.11 -21.13
CA GLY A 106 3.21 43.17 -22.03
C GLY A 106 2.95 41.77 -21.54
N VAL A 107 3.66 41.34 -20.50
CA VAL A 107 3.49 39.99 -19.98
C VAL A 107 2.05 39.75 -19.51
N TYR A 108 1.54 40.69 -18.73
CA TYR A 108 0.18 40.58 -18.20
C TYR A 108 -0.91 40.45 -19.26
N ASN A 109 -0.90 41.36 -20.23
CA ASN A 109 -1.92 41.36 -21.27
C ASN A 109 -1.67 40.45 -22.46
N ASP A 110 -0.41 40.31 -22.87
CA ASP A 110 -0.09 39.49 -24.02
C ASP A 110 0.16 38.02 -23.69
N GLN A 111 0.40 37.72 -22.43
CA GLN A 111 0.68 36.35 -22.04
C GLN A 111 -0.29 35.82 -20.99
N PHE A 112 -0.14 36.33 -19.77
CA PHE A 112 -0.95 35.89 -18.64
C PHE A 112 -2.42 35.68 -18.93
N LYS A 113 -3.05 36.68 -19.55
CA LYS A 113 -4.47 36.61 -19.85
C LYS A 113 -4.83 35.53 -20.88
N LYS A 114 -3.84 35.08 -21.65
CA LYS A 114 -4.06 34.07 -22.67
C LYS A 114 -3.90 32.65 -22.15
N TRP A 115 -3.40 32.51 -20.93
CA TRP A 115 -3.21 31.17 -20.36
C TRP A 115 -4.53 30.58 -19.92
N ASP A 116 -4.50 29.30 -19.57
CA ASP A 116 -5.69 28.58 -19.16
C ASP A 116 -5.49 27.83 -17.86
N LEU A 117 -6.59 27.59 -17.14
CA LEU A 117 -6.51 26.85 -15.91
C LEU A 117 -5.89 25.51 -16.29
N GLY A 118 -5.05 24.97 -15.42
CA GLY A 118 -4.41 23.71 -15.74
C GLY A 118 -3.01 23.91 -16.29
N ASP A 119 -2.75 25.08 -16.88
CA ASP A 119 -1.43 25.39 -17.42
C ASP A 119 -0.42 25.38 -16.28
N ILE A 120 0.80 24.90 -16.56
CA ILE A 120 1.85 24.88 -15.56
C ILE A 120 2.58 26.22 -15.69
N ILE A 121 2.64 26.96 -14.59
CA ILE A 121 3.27 28.27 -14.60
C ILE A 121 4.34 28.42 -13.51
N GLY A 122 5.15 29.46 -13.66
CA GLY A 122 6.22 29.74 -12.71
C GLY A 122 6.15 31.20 -12.30
N ALA A 123 6.39 31.49 -11.03
CA ALA A 123 6.31 32.86 -10.57
C ALA A 123 7.40 33.24 -9.57
N ARG A 124 7.76 34.52 -9.59
CA ARG A 124 8.75 35.05 -8.66
C ARG A 124 8.17 36.35 -8.14
N GLY A 125 8.14 36.50 -6.82
CA GLY A 125 7.61 37.72 -6.24
C GLY A 125 7.85 37.83 -4.75
N THR A 126 7.31 38.91 -4.17
CA THR A 126 7.47 39.19 -2.74
C THR A 126 6.29 38.72 -1.90
N LEU A 127 6.59 38.15 -0.74
CA LEU A 127 5.56 37.64 0.17
C LEU A 127 4.82 38.75 0.91
N PHE A 128 3.53 38.53 1.12
CA PHE A 128 2.68 39.47 1.86
C PHE A 128 1.41 38.75 2.25
N LYS A 129 0.57 39.43 3.02
CA LYS A 129 -0.68 38.81 3.44
C LYS A 129 -1.84 39.63 2.89
N THR A 130 -2.79 38.94 2.27
CA THR A 130 -3.96 39.61 1.70
C THR A 130 -4.84 40.19 2.80
N GLN A 131 -5.90 40.88 2.40
CA GLN A 131 -6.82 41.46 3.37
C GLN A 131 -7.43 40.34 4.20
N THR A 132 -7.77 39.23 3.55
CA THR A 132 -8.35 38.06 4.21
C THR A 132 -7.35 37.41 5.16
N GLY A 133 -6.08 37.85 5.09
CA GLY A 133 -5.05 37.29 5.95
C GLY A 133 -4.32 36.08 5.37
N GLU A 134 -4.48 35.87 4.06
CA GLU A 134 -3.83 34.75 3.38
C GLU A 134 -2.44 35.09 2.89
N LEU A 135 -1.57 34.09 2.88
CA LEU A 135 -0.20 34.28 2.40
C LEU A 135 -0.31 34.38 0.89
N SER A 136 0.33 35.39 0.32
CA SER A 136 0.27 35.57 -1.13
C SER A 136 1.60 36.09 -1.68
N ILE A 137 1.81 35.90 -2.97
CA ILE A 137 3.04 36.37 -3.60
C ILE A 137 2.77 37.46 -4.61
N HIS A 138 3.28 38.66 -4.35
CA HIS A 138 3.10 39.78 -5.27
C HIS A 138 4.12 39.56 -6.39
N CYS A 139 3.66 38.95 -7.48
CA CYS A 139 4.54 38.64 -8.61
C CYS A 139 5.23 39.80 -9.31
N THR A 140 6.50 39.59 -9.64
CA THR A 140 7.29 40.56 -10.36
C THR A 140 7.76 39.88 -11.65
N GLU A 141 7.59 38.57 -11.70
CA GLU A 141 7.92 37.79 -12.89
C GLU A 141 6.93 36.63 -12.93
N LEU A 142 6.47 36.28 -14.13
CA LEU A 142 5.50 35.18 -14.27
C LEU A 142 5.62 34.57 -15.66
N ARG A 143 5.71 33.25 -15.74
CA ARG A 143 5.85 32.58 -17.04
C ARG A 143 4.98 31.34 -17.23
N LEU A 144 4.75 31.01 -18.50
CA LEU A 144 4.00 29.82 -18.84
C LEU A 144 5.08 28.76 -19.10
N LEU A 145 5.07 27.67 -18.32
CA LEU A 145 6.06 26.61 -18.49
C LEU A 145 5.54 25.47 -19.37
N THR A 146 4.33 25.02 -19.11
CA THR A 146 3.74 23.96 -19.92
C THR A 146 2.29 24.28 -20.22
N LYS A 147 1.95 24.31 -21.49
CA LYS A 147 0.58 24.56 -21.90
C LYS A 147 -0.20 23.26 -21.69
N ALA A 148 -1.37 23.36 -21.07
CA ALA A 148 -2.22 22.19 -20.85
C ALA A 148 -3.19 22.11 -22.03
N LEU A 149 -3.13 21.03 -22.79
CA LEU A 149 -4.02 20.87 -23.95
C LEU A 149 -5.41 20.40 -23.54
N ARG A 150 -5.55 19.96 -22.30
CA ARG A 150 -6.82 19.48 -21.79
C ARG A 150 -7.16 20.25 -20.52
N PRO A 151 -8.45 20.60 -20.35
CA PRO A 151 -8.94 21.34 -19.19
C PRO A 151 -8.85 20.51 -17.91
N LEU A 152 -8.75 21.20 -16.76
CA LEU A 152 -8.67 20.48 -15.49
C LEU A 152 -9.79 19.47 -15.38
N PRO A 153 -9.52 18.33 -14.73
CA PRO A 153 -10.54 17.28 -14.57
C PRO A 153 -11.86 17.78 -13.98
N ASP A 161 -17.57 6.32 -14.97
CA ASP A 161 -17.88 5.99 -13.58
C ASP A 161 -16.85 6.64 -12.67
N GLN A 162 -16.82 6.21 -11.41
CA GLN A 162 -15.87 6.72 -10.44
C GLN A 162 -14.64 5.82 -10.55
N GLU A 163 -14.56 5.13 -11.68
CA GLU A 163 -13.46 4.22 -12.01
C GLU A 163 -12.37 5.00 -12.69
N VAL A 164 -12.72 6.21 -13.11
CA VAL A 164 -11.79 7.09 -13.79
C VAL A 164 -10.66 7.38 -12.84
N ARG A 165 -10.99 7.50 -11.55
CA ARG A 165 -10.02 7.79 -10.53
C ARG A 165 -8.84 6.81 -10.59
N TYR A 166 -9.14 5.57 -10.96
CA TYR A 166 -8.12 4.53 -11.03
C TYR A 166 -7.56 4.37 -12.44
N ARG A 167 -8.35 4.70 -13.44
CA ARG A 167 -7.93 4.60 -14.84
C ARG A 167 -6.99 5.75 -15.19
N GLN A 168 -7.18 6.89 -14.54
CA GLN A 168 -6.34 8.06 -14.77
C GLN A 168 -6.04 8.68 -13.42
N ARG A 169 -5.24 7.98 -12.62
CA ARG A 169 -4.87 8.43 -11.29
C ARG A 169 -4.30 9.85 -11.23
N TYR A 170 -3.70 10.31 -12.34
CA TYR A 170 -3.14 11.68 -12.36
C TYR A 170 -4.22 12.74 -12.21
N LEU A 171 -5.40 12.46 -12.75
CA LEU A 171 -6.52 13.38 -12.67
C LEU A 171 -7.07 13.39 -11.24
N ASP A 172 -7.11 12.21 -10.63
CA ASP A 172 -7.57 12.07 -9.26
C ASP A 172 -6.65 12.85 -8.32
N LEU A 173 -5.35 12.75 -8.55
CA LEU A 173 -4.37 13.43 -7.71
C LEU A 173 -4.43 14.94 -7.89
N ILE A 174 -4.70 15.39 -9.11
CA ILE A 174 -4.81 16.82 -9.37
C ILE A 174 -6.07 17.37 -8.68
N ALA A 175 -7.16 16.63 -8.79
CA ALA A 175 -8.44 17.04 -8.24
C ALA A 175 -8.72 16.82 -6.76
N ASN A 176 -8.41 15.63 -6.24
CA ASN A 176 -8.71 15.34 -4.85
C ASN A 176 -7.57 15.30 -3.86
N ASP A 177 -7.53 16.31 -2.99
CA ASP A 177 -6.51 16.40 -1.98
C ASP A 177 -6.58 15.22 -1.00
N LYS A 178 -7.78 14.69 -0.78
CA LYS A 178 -7.91 13.55 0.14
C LYS A 178 -7.16 12.35 -0.43
N SER A 179 -7.21 12.20 -1.74
CA SER A 179 -6.53 11.10 -2.41
C SER A 179 -5.01 11.31 -2.31
N ARG A 180 -4.55 12.55 -2.49
CA ARG A 180 -3.14 12.85 -2.39
C ARG A 180 -2.64 12.49 -0.99
N GLN A 181 -3.38 12.94 0.01
CA GLN A 181 -3.02 12.68 1.41
C GLN A 181 -2.87 11.19 1.71
N THR A 182 -3.74 10.38 1.13
CA THR A 182 -3.69 8.93 1.34
C THR A 182 -2.36 8.35 0.86
N PHE A 183 -1.89 8.80 -0.29
CA PHE A 183 -0.64 8.32 -0.86
C PHE A 183 0.58 8.91 -0.19
N VAL A 184 0.45 10.11 0.37
CA VAL A 184 1.57 10.71 1.06
C VAL A 184 1.74 9.93 2.36
N VAL A 185 0.62 9.58 2.98
CA VAL A 185 0.64 8.83 4.23
C VAL A 185 1.19 7.42 3.99
N ARG A 186 0.87 6.86 2.83
CA ARG A 186 1.38 5.53 2.47
C ARG A 186 2.91 5.57 2.49
N SER A 187 3.49 6.60 1.88
CA SER A 187 4.94 6.75 1.84
C SER A 187 5.50 6.93 3.24
N LYS A 188 4.78 7.68 4.08
CA LYS A 188 5.21 7.91 5.46
C LYS A 188 5.21 6.62 6.27
N ILE A 189 4.20 5.79 6.02
CA ILE A 189 4.06 4.51 6.72
C ILE A 189 5.22 3.57 6.38
N LEU A 190 5.51 3.43 5.09
CA LEU A 190 6.61 2.55 4.67
C LEU A 190 7.94 3.01 5.25
N ALA A 191 8.17 4.32 5.24
CA ALA A 191 9.40 4.88 5.79
C ALA A 191 9.47 4.59 7.28
N ALA A 192 8.32 4.69 7.94
CA ALA A 192 8.21 4.45 9.37
C ALA A 192 8.41 2.97 9.72
N ILE A 193 8.00 2.10 8.82
CA ILE A 193 8.15 0.67 9.05
C ILE A 193 9.64 0.31 8.97
N ARG A 194 10.32 0.88 7.98
CA ARG A 194 11.74 0.61 7.81
C ARG A 194 12.51 1.10 9.03
N GLN A 195 12.16 2.29 9.51
CA GLN A 195 12.83 2.85 10.68
C GLN A 195 12.60 1.96 11.89
N PHE A 196 11.36 1.46 12.02
CA PHE A 196 10.99 0.57 13.12
C PHE A 196 11.79 -0.72 13.08
N MET A 197 11.86 -1.34 11.90
CA MET A 197 12.57 -2.60 11.72
C MET A 197 14.08 -2.43 11.89
N VAL A 198 14.64 -1.40 11.27
CA VAL A 198 16.06 -1.15 11.37
C VAL A 198 16.43 -0.87 12.83
N ALA A 199 15.53 -0.25 13.58
CA ALA A 199 15.82 0.05 14.99
C ALA A 199 15.93 -1.24 15.79
N ARG A 200 15.38 -2.33 15.25
CA ARG A 200 15.42 -3.60 15.96
C ARG A 200 16.49 -4.53 15.38
N GLY A 201 17.41 -3.96 14.64
CA GLY A 201 18.50 -4.74 14.06
C GLY A 201 18.16 -5.57 12.83
N PHE A 202 17.04 -5.28 12.18
CA PHE A 202 16.69 -6.04 10.99
C PHE A 202 17.39 -5.42 9.78
N MET A 203 17.81 -6.26 8.84
CA MET A 203 18.48 -5.79 7.63
C MET A 203 17.61 -6.09 6.42
N GLU A 204 17.37 -5.07 5.60
CA GLU A 204 16.54 -5.24 4.42
C GLU A 204 17.30 -5.86 3.26
N VAL A 205 16.72 -6.87 2.63
CA VAL A 205 17.33 -7.57 1.52
C VAL A 205 16.41 -7.65 0.32
N GLU A 206 16.95 -8.12 -0.79
CA GLU A 206 16.19 -8.27 -2.03
C GLU A 206 16.39 -9.69 -2.57
N THR A 207 15.32 -10.48 -2.57
CA THR A 207 15.36 -11.84 -3.06
C THR A 207 14.64 -11.88 -4.41
N PRO A 208 14.79 -12.97 -5.17
CA PRO A 208 14.16 -13.06 -6.49
C PRO A 208 12.66 -12.91 -6.61
N MET A 209 12.23 -12.29 -7.71
CA MET A 209 10.81 -12.10 -8.02
C MET A 209 10.47 -13.07 -9.14
N MET A 210 11.51 -13.67 -9.71
CA MET A 210 11.37 -14.66 -10.76
C MET A 210 11.93 -15.92 -10.13
N GLN A 211 11.15 -16.99 -10.12
CA GLN A 211 11.58 -18.25 -9.53
C GLN A 211 11.18 -19.44 -10.41
N VAL A 212 12.06 -20.42 -10.50
CA VAL A 212 11.79 -21.60 -11.30
C VAL A 212 10.77 -22.45 -10.55
N ILE A 213 10.89 -22.47 -9.22
CA ILE A 213 9.96 -23.20 -8.36
C ILE A 213 9.33 -22.18 -7.41
N PRO A 214 8.03 -21.86 -7.60
CA PRO A 214 7.43 -20.89 -6.69
C PRO A 214 7.06 -21.57 -5.37
N GLY A 215 7.04 -20.80 -4.29
CA GLY A 215 6.72 -21.38 -2.99
C GLY A 215 6.57 -20.30 -1.95
N GLY A 216 6.45 -20.71 -0.69
CA GLY A 216 6.31 -19.75 0.40
C GLY A 216 4.85 -19.46 0.74
N ALA A 217 3.94 -19.91 -0.11
CA ALA A 217 2.51 -19.70 0.10
C ALA A 217 1.73 -20.65 -0.78
N SER A 218 0.41 -20.55 -0.73
CA SER A 218 -0.45 -21.40 -1.53
C SER A 218 -1.27 -20.48 -2.41
N ALA A 219 -0.92 -20.43 -3.69
CA ALA A 219 -1.62 -19.55 -4.61
C ALA A 219 -1.36 -19.95 -6.05
N ARG A 220 -2.19 -19.47 -6.96
CA ARG A 220 -1.99 -19.76 -8.36
C ARG A 220 -0.98 -18.72 -8.81
N PRO A 221 0.14 -19.16 -9.39
CA PRO A 221 1.14 -18.20 -9.83
C PRO A 221 0.96 -17.71 -11.26
N PHE A 222 1.68 -16.65 -11.58
CA PHE A 222 1.70 -16.10 -12.93
C PHE A 222 2.92 -16.81 -13.51
N ILE A 223 2.83 -17.23 -14.76
CA ILE A 223 3.98 -17.90 -15.36
C ILE A 223 4.46 -17.14 -16.59
N THR A 224 5.76 -17.22 -16.84
CA THR A 224 6.35 -16.53 -17.98
C THR A 224 7.48 -17.38 -18.56
N HIS A 225 8.12 -16.88 -19.60
CA HIS A 225 9.18 -17.63 -20.25
C HIS A 225 10.43 -16.78 -20.50
N HIS A 226 11.58 -17.33 -20.13
CA HIS A 226 12.87 -16.68 -20.33
C HIS A 226 13.44 -17.26 -21.62
N ASN A 227 13.39 -16.50 -22.70
CA ASN A 227 13.89 -16.96 -23.99
C ASN A 227 15.34 -17.43 -23.97
N ALA A 228 16.24 -16.60 -23.44
CA ALA A 228 17.66 -16.94 -23.37
C ALA A 228 17.91 -18.37 -22.90
N LEU A 229 17.31 -18.75 -21.77
CA LEU A 229 17.49 -20.11 -21.25
C LEU A 229 16.34 -21.04 -21.64
N ASP A 230 15.43 -20.57 -22.48
CA ASP A 230 14.26 -21.37 -22.89
C ASP A 230 13.72 -22.03 -21.62
N LEU A 231 13.55 -21.20 -20.59
CA LEU A 231 13.10 -21.69 -19.31
C LEU A 231 11.82 -21.02 -18.84
N ASP A 232 10.85 -21.84 -18.47
CA ASP A 232 9.57 -21.35 -17.95
C ASP A 232 9.84 -20.93 -16.51
N MET A 233 9.29 -19.79 -16.12
CA MET A 233 9.51 -19.30 -14.77
C MET A 233 8.23 -18.71 -14.19
N TYR A 234 8.22 -18.55 -12.88
CA TYR A 234 7.05 -17.99 -12.21
C TYR A 234 7.36 -16.71 -11.47
N LEU A 235 6.37 -15.81 -11.43
CA LEU A 235 6.52 -14.57 -10.66
C LEU A 235 6.34 -15.10 -9.24
N ARG A 236 7.14 -14.60 -8.30
CA ARG A 236 7.03 -15.09 -6.93
C ARG A 236 5.69 -14.79 -6.25
N ILE A 237 5.19 -15.78 -5.53
CA ILE A 237 3.94 -15.59 -4.79
C ILE A 237 4.33 -15.20 -3.36
N ALA A 238 5.60 -15.40 -3.01
CA ALA A 238 6.14 -15.08 -1.68
C ALA A 238 7.65 -15.31 -1.65
N PRO A 239 8.41 -14.48 -0.89
CA PRO A 239 9.86 -14.61 -0.76
C PRO A 239 10.31 -15.51 0.39
N GLU A 240 9.35 -16.04 1.15
CA GLU A 240 9.67 -16.85 2.33
C GLU A 240 10.81 -17.88 2.26
N LEU A 241 10.81 -18.72 1.24
CA LEU A 241 11.85 -19.75 1.15
C LEU A 241 13.26 -19.20 0.94
N TYR A 242 13.34 -18.03 0.32
CA TYR A 242 14.64 -17.40 0.08
C TYR A 242 15.10 -16.69 1.34
N LEU A 243 14.16 -16.05 2.01
CA LEU A 243 14.51 -15.34 3.23
C LEU A 243 14.99 -16.33 4.29
N LYS A 244 14.38 -17.51 4.37
CA LYS A 244 14.86 -18.45 5.38
C LYS A 244 16.23 -19.01 4.99
N ARG A 245 16.55 -19.03 3.70
CA ARG A 245 17.85 -19.50 3.24
C ARG A 245 18.89 -18.52 3.77
N LEU A 246 18.53 -17.23 3.79
CA LEU A 246 19.44 -16.20 4.27
C LEU A 246 19.67 -16.30 5.77
N VAL A 247 18.66 -16.75 6.51
CA VAL A 247 18.81 -16.90 7.96
C VAL A 247 19.78 -18.07 8.21
N VAL A 248 19.73 -19.10 7.35
CA VAL A 248 20.64 -20.24 7.47
C VAL A 248 22.05 -19.73 7.17
N GLY A 249 22.12 -18.78 6.24
CA GLY A 249 23.39 -18.17 5.86
C GLY A 249 23.98 -17.27 6.94
N GLY A 250 23.16 -16.85 7.90
CA GLY A 250 23.68 -16.00 8.95
C GLY A 250 23.01 -14.64 9.12
N PHE A 251 22.13 -14.28 8.18
CA PHE A 251 21.42 -13.02 8.28
C PHE A 251 20.19 -13.35 9.12
N GLU A 252 20.44 -13.42 10.42
CA GLU A 252 19.45 -13.78 11.42
C GLU A 252 18.28 -12.82 11.69
N ARG A 253 18.36 -11.60 11.16
CA ARG A 253 17.29 -10.61 11.30
C ARG A 253 17.18 -9.90 9.96
N VAL A 254 16.37 -10.46 9.07
CA VAL A 254 16.17 -9.91 7.74
C VAL A 254 14.71 -9.60 7.45
N PHE A 255 14.49 -8.65 6.56
CA PHE A 255 13.14 -8.33 6.13
C PHE A 255 13.16 -7.83 4.70
N GLU A 256 12.05 -8.02 4.02
CA GLU A 256 11.90 -7.59 2.64
C GLU A 256 10.50 -7.00 2.53
N ILE A 257 10.42 -5.84 1.89
CA ILE A 257 9.14 -5.19 1.67
C ILE A 257 9.08 -5.03 0.17
N ASN A 258 8.28 -5.86 -0.49
CA ASN A 258 8.17 -5.78 -1.92
C ASN A 258 6.94 -6.51 -2.46
N ARG A 259 6.81 -6.48 -3.77
CA ARG A 259 5.70 -7.07 -4.50
C ARG A 259 5.63 -8.58 -4.51
N ASN A 260 4.40 -9.10 -4.51
CA ASN A 260 4.12 -10.53 -4.60
C ASN A 260 3.10 -10.57 -5.73
N PHE A 261 3.00 -11.69 -6.42
CA PHE A 261 2.08 -11.78 -7.53
C PHE A 261 1.26 -13.05 -7.42
N ARG A 262 -0.04 -12.92 -7.52
CA ARG A 262 -0.91 -14.09 -7.44
C ARG A 262 -1.94 -14.04 -8.54
N ASN A 263 -2.01 -15.12 -9.31
CA ASN A 263 -2.93 -15.20 -10.43
C ASN A 263 -4.36 -15.46 -9.96
N GLU A 264 -4.95 -14.44 -9.36
CA GLU A 264 -6.31 -14.53 -8.88
C GLU A 264 -7.07 -13.25 -9.23
N GLY A 265 -8.38 -13.29 -9.12
CA GLY A 265 -9.19 -12.14 -9.46
C GLY A 265 -9.08 -10.92 -8.57
N ILE A 266 -9.48 -9.79 -9.14
CA ILE A 266 -9.46 -8.50 -8.47
C ILE A 266 -10.60 -8.46 -7.44
N SER A 267 -10.40 -7.75 -6.33
CA SER A 267 -11.42 -7.64 -5.31
C SER A 267 -11.22 -6.34 -4.51
N VAL A 268 -12.07 -6.11 -3.51
CA VAL A 268 -11.97 -4.92 -2.67
C VAL A 268 -10.75 -5.01 -1.75
N ARG A 269 -10.18 -6.21 -1.64
CA ARG A 269 -9.00 -6.38 -0.80
C ARG A 269 -7.91 -7.21 -1.50
N HIS A 270 -8.09 -7.46 -2.79
CA HIS A 270 -7.12 -8.22 -3.59
C HIS A 270 -6.71 -7.53 -4.89
N ASN A 271 -5.40 -7.45 -5.13
CA ASN A 271 -4.85 -6.90 -6.37
C ASN A 271 -3.90 -8.01 -6.82
N PRO A 272 -3.83 -8.31 -8.12
CA PRO A 272 -2.94 -9.36 -8.61
C PRO A 272 -1.49 -9.20 -8.12
N GLU A 273 -1.06 -7.96 -7.95
CA GLU A 273 0.27 -7.69 -7.42
C GLU A 273 0.05 -6.80 -6.22
N PHE A 274 0.67 -7.16 -5.10
CA PHE A 274 0.51 -6.39 -3.89
C PHE A 274 1.82 -6.34 -3.14
N THR A 275 1.91 -5.40 -2.20
CA THR A 275 3.13 -5.23 -1.44
C THR A 275 3.05 -5.90 -0.09
N MET A 276 4.09 -6.69 0.21
CA MET A 276 4.12 -7.38 1.48
C MET A 276 5.44 -7.26 2.17
N MET A 277 5.40 -7.29 3.50
CA MET A 277 6.63 -7.27 4.26
C MET A 277 6.79 -8.63 4.92
N GLU A 278 7.95 -9.25 4.73
CA GLU A 278 8.22 -10.52 5.40
C GLU A 278 9.43 -10.24 6.25
N LEU A 279 9.42 -10.70 7.48
CA LEU A 279 10.52 -10.50 8.39
C LEU A 279 10.79 -11.80 9.11
N TYR A 280 12.06 -12.05 9.43
CA TYR A 280 12.44 -13.27 10.11
C TYR A 280 13.47 -12.93 11.15
N MET A 281 13.26 -13.44 12.36
CA MET A 281 14.21 -13.20 13.43
C MET A 281 14.50 -14.53 14.13
N ALA A 282 15.76 -14.91 14.12
CA ALA A 282 16.22 -16.16 14.72
C ALA A 282 16.17 -16.07 16.25
N TYR A 283 15.99 -17.22 16.90
CA TYR A 283 15.93 -17.29 18.36
C TYR A 283 14.72 -16.54 18.90
N ALA A 284 13.59 -16.75 18.23
CA ALA A 284 12.32 -16.14 18.60
C ALA A 284 11.23 -17.09 18.13
N ASP A 285 10.03 -16.95 18.70
CA ASP A 285 8.88 -17.78 18.31
C ASP A 285 7.69 -16.87 17.97
N TYR A 286 6.54 -17.43 17.63
CA TYR A 286 5.42 -16.58 17.25
C TYR A 286 4.95 -15.58 18.33
N HIS A 287 5.20 -15.88 19.60
CA HIS A 287 4.81 -14.96 20.67
C HIS A 287 5.55 -13.65 20.53
N ASP A 288 6.81 -13.75 20.10
CA ASP A 288 7.65 -12.57 19.90
C ASP A 288 7.13 -11.76 18.70
N LEU A 289 6.52 -12.44 17.74
CA LEU A 289 5.97 -11.77 16.56
C LEU A 289 4.69 -11.02 16.91
N ILE A 290 3.95 -11.59 17.87
CA ILE A 290 2.71 -10.98 18.33
C ILE A 290 3.05 -9.65 19.01
N GLU A 291 4.11 -9.64 19.81
CA GLU A 291 4.53 -8.43 20.48
C GLU A 291 5.03 -7.41 19.46
N LEU A 292 5.80 -7.89 18.48
CA LEU A 292 6.33 -7.01 17.45
C LEU A 292 5.19 -6.39 16.65
N THR A 293 4.20 -7.20 16.30
CA THR A 293 3.04 -6.72 15.55
C THR A 293 2.32 -5.60 16.34
N GLU A 294 1.99 -5.86 17.60
CA GLU A 294 1.31 -4.87 18.43
C GLU A 294 2.13 -3.58 18.57
N SER A 295 3.44 -3.69 18.69
CA SER A 295 4.28 -2.50 18.82
C SER A 295 4.35 -1.74 17.50
N LEU A 296 4.39 -2.48 16.39
CA LEU A 296 4.46 -1.83 15.09
C LEU A 296 3.22 -0.99 14.82
N PHE A 297 2.05 -1.54 15.12
CA PHE A 297 0.81 -0.82 14.89
C PHE A 297 0.68 0.37 15.84
N ARG A 298 1.08 0.19 17.09
CA ARG A 298 1.02 1.28 18.07
C ARG A 298 1.98 2.40 17.67
N THR A 299 3.18 2.03 17.22
CA THR A 299 4.18 2.99 16.79
C THR A 299 3.74 3.74 15.55
N LEU A 300 3.25 3.01 14.56
CA LEU A 300 2.81 3.64 13.31
C LEU A 300 1.64 4.60 13.55
N ALA A 301 0.65 4.17 14.32
CA ALA A 301 -0.50 5.02 14.60
C ALA A 301 -0.04 6.28 15.31
N GLN A 302 0.77 6.12 16.35
CA GLN A 302 1.28 7.26 17.11
C GLN A 302 2.14 8.18 16.25
N GLU A 303 3.17 7.63 15.64
CA GLU A 303 4.09 8.40 14.81
C GLU A 303 3.47 9.04 13.57
N VAL A 304 2.63 8.30 12.86
CA VAL A 304 2.03 8.80 11.64
C VAL A 304 0.71 9.56 11.80
N LEU A 305 -0.20 9.05 12.62
CA LEU A 305 -1.49 9.71 12.81
C LEU A 305 -1.56 10.60 14.04
N GLY A 306 -0.55 10.56 14.89
CA GLY A 306 -0.56 11.38 16.09
C GLY A 306 -1.35 10.85 17.26
N THR A 307 -1.99 9.70 17.08
CA THR A 307 -2.78 9.09 18.15
C THR A 307 -2.84 7.58 17.97
N THR A 308 -3.04 6.84 19.06
CA THR A 308 -3.12 5.38 18.99
C THR A 308 -4.53 4.90 18.72
N LYS A 309 -5.48 5.82 18.75
CA LYS A 309 -6.88 5.48 18.47
C LYS A 309 -7.16 5.90 17.04
N VAL A 310 -7.44 4.92 16.21
CA VAL A 310 -7.68 5.17 14.80
C VAL A 310 -9.12 4.94 14.36
N THR A 311 -9.68 5.92 13.68
CA THR A 311 -11.04 5.83 13.19
C THR A 311 -11.04 5.22 11.80
N TYR A 312 -11.79 4.13 11.66
CA TYR A 312 -11.90 3.42 10.39
C TYR A 312 -13.38 3.13 10.22
N GLY A 313 -13.99 3.73 9.20
CA GLY A 313 -15.40 3.53 8.94
C GLY A 313 -16.17 3.96 10.17
N GLU A 314 -17.04 3.08 10.65
CA GLU A 314 -17.84 3.39 11.83
C GLU A 314 -17.17 2.90 13.10
N HIS A 315 -15.93 2.44 12.99
CA HIS A 315 -15.22 1.93 14.16
C HIS A 315 -14.00 2.73 14.57
N VAL A 316 -13.51 2.41 15.75
CA VAL A 316 -12.30 3.02 16.28
C VAL A 316 -11.44 1.87 16.78
N PHE A 317 -10.19 1.85 16.32
CA PHE A 317 -9.25 0.81 16.72
C PHE A 317 -8.28 1.44 17.70
N ASP A 318 -8.17 0.85 18.89
CA ASP A 318 -7.25 1.37 19.88
C ASP A 318 -5.98 0.53 19.79
N PHE A 319 -4.99 1.03 19.06
CA PHE A 319 -3.74 0.30 18.91
C PHE A 319 -2.89 0.52 20.14
N GLY A 320 -3.51 1.09 21.16
CA GLY A 320 -2.84 1.35 22.41
C GLY A 320 -3.11 0.22 23.40
N LYS A 321 -4.02 -0.68 23.03
CA LYS A 321 -4.32 -1.80 23.89
C LYS A 321 -4.10 -3.10 23.11
N PRO A 322 -3.81 -4.20 23.83
CA PRO A 322 -3.56 -5.49 23.17
C PRO A 322 -4.64 -5.91 22.20
N PHE A 323 -4.24 -6.65 21.17
CA PHE A 323 -5.18 -7.15 20.17
C PHE A 323 -5.94 -8.25 20.90
N GLU A 324 -7.11 -8.61 20.40
CA GLU A 324 -7.84 -9.68 21.03
C GLU A 324 -7.14 -10.94 20.53
N LYS A 325 -7.30 -12.05 21.24
CA LYS A 325 -6.66 -13.30 20.87
C LYS A 325 -7.57 -14.50 21.06
N LEU A 326 -7.78 -15.27 19.99
CA LEU A 326 -8.63 -16.46 20.04
C LEU A 326 -8.00 -17.56 19.22
N THR A 327 -8.31 -18.81 19.54
CA THR A 327 -7.81 -19.92 18.75
C THR A 327 -8.77 -19.98 17.56
N MET A 328 -8.43 -20.74 16.54
CA MET A 328 -9.31 -20.85 15.39
C MET A 328 -10.67 -21.42 15.80
N ARG A 329 -10.67 -22.41 16.69
CA ARG A 329 -11.92 -23.04 17.13
C ARG A 329 -12.79 -22.11 17.99
N GLU A 330 -12.15 -21.31 18.82
CA GLU A 330 -12.89 -20.39 19.65
C GLU A 330 -13.60 -19.37 18.77
N ALA A 331 -12.94 -18.93 17.70
CA ALA A 331 -13.52 -17.96 16.78
C ALA A 331 -14.73 -18.58 16.08
N ILE A 332 -14.61 -19.85 15.69
CA ILE A 332 -15.69 -20.56 15.04
C ILE A 332 -16.88 -20.70 16.00
N LYS A 333 -16.61 -21.12 17.23
CA LYS A 333 -17.63 -21.31 18.25
C LYS A 333 -18.31 -19.99 18.60
N LYS A 334 -17.52 -18.93 18.66
CA LYS A 334 -18.04 -17.62 19.00
C LYS A 334 -18.94 -17.01 17.92
N TYR A 335 -18.65 -17.26 16.66
CA TYR A 335 -19.46 -16.70 15.57
C TYR A 335 -20.51 -17.59 14.95
N ARG A 336 -20.54 -18.84 15.40
CA ARG A 336 -21.56 -19.81 15.01
C ARG A 336 -21.74 -20.65 16.27
N PRO A 337 -22.34 -20.05 17.30
CA PRO A 337 -22.60 -20.68 18.62
C PRO A 337 -23.31 -22.02 18.61
N GLU A 338 -24.15 -22.25 17.61
CA GLU A 338 -24.89 -23.51 17.52
C GLU A 338 -24.04 -24.66 17.01
N THR A 339 -22.77 -24.38 16.71
CA THR A 339 -21.87 -25.41 16.22
C THR A 339 -21.52 -26.45 17.27
N ASP A 340 -21.62 -27.72 16.88
CA ASP A 340 -21.26 -28.83 17.76
C ASP A 340 -19.77 -29.00 17.46
N MET A 341 -18.94 -28.49 18.37
CA MET A 341 -17.50 -28.53 18.19
C MET A 341 -16.91 -29.91 17.92
N ALA A 342 -17.64 -30.96 18.30
CA ALA A 342 -17.17 -32.31 18.05
C ALA A 342 -17.17 -32.58 16.55
N ASP A 343 -17.94 -31.81 15.80
CA ASP A 343 -18.01 -31.97 14.35
C ASP A 343 -16.67 -31.68 13.69
N LEU A 344 -15.90 -30.77 14.30
CA LEU A 344 -14.60 -30.40 13.76
C LEU A 344 -13.55 -31.49 13.99
N ASP A 345 -13.94 -32.56 14.68
CA ASP A 345 -13.00 -33.65 14.96
C ASP A 345 -13.26 -34.88 14.11
N ASN A 346 -14.30 -34.83 13.29
CA ASN A 346 -14.65 -35.95 12.44
C ASN A 346 -14.74 -35.47 10.99
N PHE A 347 -13.93 -36.06 10.12
CA PHE A 347 -13.92 -35.66 8.71
C PHE A 347 -15.31 -35.57 8.08
N ASP A 348 -16.13 -36.59 8.26
CA ASP A 348 -17.47 -36.59 7.67
C ASP A 348 -18.37 -35.51 8.24
N ALA A 349 -18.31 -35.32 9.55
CA ALA A 349 -19.12 -34.31 10.20
C ALA A 349 -18.65 -32.92 9.78
N ALA A 350 -17.33 -32.75 9.70
CA ALA A 350 -16.77 -31.45 9.32
C ALA A 350 -17.10 -31.13 7.87
N LYS A 351 -17.00 -32.14 7.01
CA LYS A 351 -17.29 -31.97 5.60
C LYS A 351 -18.75 -31.58 5.44
N ALA A 352 -19.62 -32.25 6.18
CA ALA A 352 -21.05 -31.97 6.13
C ALA A 352 -21.33 -30.57 6.68
N LEU A 353 -20.68 -30.23 7.79
CA LEU A 353 -20.83 -28.92 8.40
C LEU A 353 -20.39 -27.85 7.40
N ALA A 354 -19.20 -28.04 6.84
CA ALA A 354 -18.64 -27.11 5.88
C ALA A 354 -19.58 -26.90 4.70
N GLU A 355 -20.10 -27.99 4.16
CA GLU A 355 -20.99 -27.87 3.01
C GLU A 355 -22.31 -27.19 3.37
N SER A 356 -22.81 -27.45 4.57
CA SER A 356 -24.07 -26.87 5.02
C SER A 356 -24.00 -25.35 5.04
N ILE A 357 -22.79 -24.80 5.19
CA ILE A 357 -22.65 -23.36 5.18
C ILE A 357 -22.16 -22.81 3.83
N GLY A 358 -22.25 -23.63 2.78
CA GLY A 358 -21.87 -23.17 1.46
C GLY A 358 -20.46 -23.42 0.93
N ILE A 359 -19.63 -24.09 1.70
CA ILE A 359 -18.26 -24.38 1.26
C ILE A 359 -18.23 -25.63 0.38
N THR A 360 -17.62 -25.51 -0.79
CA THR A 360 -17.50 -26.64 -1.69
C THR A 360 -16.23 -27.36 -1.26
N VAL A 361 -16.39 -28.54 -0.68
CA VAL A 361 -15.26 -29.33 -0.21
C VAL A 361 -14.63 -30.14 -1.34
N GLU A 362 -13.36 -29.82 -1.65
CA GLU A 362 -12.63 -30.51 -2.71
C GLU A 362 -12.11 -31.86 -2.25
N LYS A 363 -11.93 -32.76 -3.21
CA LYS A 363 -11.47 -34.11 -2.92
C LYS A 363 -10.12 -34.17 -2.19
N SER A 364 -9.25 -33.19 -2.47
CA SER A 364 -7.93 -33.15 -1.85
C SER A 364 -7.92 -32.71 -0.38
N TRP A 365 -8.97 -31.98 0.03
CA TRP A 365 -9.06 -31.49 1.40
C TRP A 365 -9.10 -32.54 2.49
N GLY A 366 -8.44 -32.21 3.60
CA GLY A 366 -8.41 -33.10 4.74
C GLY A 366 -9.16 -32.34 5.83
N LEU A 367 -9.22 -32.91 7.03
CA LEU A 367 -9.91 -32.27 8.14
C LEU A 367 -9.39 -30.87 8.44
N GLY A 368 -8.08 -30.74 8.60
CA GLY A 368 -7.49 -29.44 8.91
C GLY A 368 -7.86 -28.34 7.92
N ARG A 369 -7.89 -28.70 6.64
CA ARG A 369 -8.23 -27.76 5.59
C ARG A 369 -9.70 -27.37 5.69
N ILE A 370 -10.55 -28.36 5.99
CA ILE A 370 -11.98 -28.10 6.11
C ILE A 370 -12.27 -27.18 7.29
N VAL A 371 -11.63 -27.44 8.43
CA VAL A 371 -11.84 -26.60 9.60
C VAL A 371 -11.40 -25.17 9.33
N THR A 372 -10.28 -25.02 8.64
CA THR A 372 -9.76 -23.71 8.31
C THR A 372 -10.75 -22.98 7.42
N GLU A 373 -11.32 -23.71 6.45
CA GLU A 373 -12.29 -23.14 5.52
C GLU A 373 -13.56 -22.73 6.25
N ILE A 374 -13.92 -23.49 7.27
CA ILE A 374 -15.10 -23.18 8.06
C ILE A 374 -14.82 -21.87 8.79
N PHE A 375 -13.62 -21.76 9.37
CA PHE A 375 -13.22 -20.53 10.08
C PHE A 375 -13.34 -19.32 9.16
N ASP A 376 -12.84 -19.46 7.94
CA ASP A 376 -12.89 -18.37 6.97
C ASP A 376 -14.32 -17.92 6.70
N GLU A 377 -15.18 -18.89 6.46
CA GLU A 377 -16.58 -18.62 6.17
C GLU A 377 -17.31 -18.06 7.38
N VAL A 378 -17.10 -18.68 8.53
CA VAL A 378 -17.76 -18.29 9.77
C VAL A 378 -17.30 -17.07 10.53
N ALA A 379 -16.00 -16.96 10.78
CA ALA A 379 -15.48 -15.87 11.61
C ALA A 379 -14.73 -14.69 11.02
N GLU A 380 -13.94 -14.92 9.97
CA GLU A 380 -13.13 -13.85 9.38
C GLU A 380 -13.76 -12.47 9.31
N ALA A 381 -14.94 -12.38 8.72
CA ALA A 381 -15.64 -11.11 8.55
C ALA A 381 -15.99 -10.38 9.84
N HIS A 382 -16.11 -11.14 10.93
CA HIS A 382 -16.46 -10.56 12.23
C HIS A 382 -15.30 -10.05 13.04
N LEU A 383 -14.07 -10.35 12.61
CA LEU A 383 -12.91 -9.88 13.36
C LEU A 383 -12.62 -8.43 12.94
N ILE A 384 -13.41 -7.53 13.52
CA ILE A 384 -13.32 -6.10 13.24
C ILE A 384 -12.22 -5.42 14.03
N GLN A 385 -12.22 -5.63 15.34
CA GLN A 385 -11.18 -5.06 16.19
C GLN A 385 -9.93 -5.92 16.01
N PRO A 386 -8.74 -5.31 16.11
CA PRO A 386 -7.48 -6.07 15.95
C PRO A 386 -7.52 -7.41 16.66
N THR A 387 -7.43 -8.49 15.89
CA THR A 387 -7.51 -9.82 16.48
C THR A 387 -6.47 -10.82 15.97
N PHE A 388 -5.95 -11.63 16.90
CA PHE A 388 -4.97 -12.68 16.58
C PHE A 388 -5.72 -14.01 16.64
N ILE A 389 -5.55 -14.84 15.61
CA ILE A 389 -6.18 -16.15 15.57
C ILE A 389 -5.07 -17.19 15.55
N THR A 390 -5.00 -18.01 16.59
CA THR A 390 -3.97 -19.02 16.72
C THR A 390 -4.42 -20.47 16.43
N GLU A 391 -3.45 -21.39 16.48
CA GLU A 391 -3.69 -22.82 16.29
C GLU A 391 -4.12 -23.26 14.90
N TYR A 392 -3.37 -22.86 13.88
CA TYR A 392 -3.68 -23.24 12.52
C TYR A 392 -3.31 -24.71 12.28
N PRO A 393 -4.22 -25.48 11.67
CA PRO A 393 -3.95 -26.90 11.41
C PRO A 393 -2.68 -27.09 10.58
N ALA A 394 -2.00 -28.21 10.81
CA ALA A 394 -0.75 -28.50 10.10
C ALA A 394 -0.95 -28.63 8.60
N GLU A 395 -2.09 -29.18 8.20
CA GLU A 395 -2.38 -29.39 6.79
C GLU A 395 -2.31 -28.12 5.94
N VAL A 396 -2.70 -26.99 6.54
CA VAL A 396 -2.69 -25.72 5.82
C VAL A 396 -1.47 -24.85 6.16
N SER A 397 -0.50 -25.44 6.86
CA SER A 397 0.71 -24.73 7.26
C SER A 397 1.95 -25.62 7.04
N PRO A 398 2.26 -25.93 5.76
CA PRO A 398 3.41 -26.79 5.45
C PRO A 398 4.81 -26.28 5.83
N LEU A 399 4.92 -24.99 6.14
CA LEU A 399 6.21 -24.41 6.49
C LEU A 399 6.32 -24.01 7.96
N ALA A 400 5.27 -24.26 8.74
CA ALA A 400 5.24 -23.86 10.13
C ALA A 400 5.63 -24.94 11.13
N ARG A 401 6.27 -24.49 12.22
CA ARG A 401 6.70 -25.37 13.28
C ARG A 401 5.49 -26.09 13.91
N ARG A 402 5.64 -27.39 14.13
CA ARG A 402 4.57 -28.18 14.71
C ARG A 402 4.45 -27.87 16.20
N ASN A 403 3.22 -27.86 16.72
CA ASN A 403 3.03 -27.58 18.13
C ASN A 403 3.55 -28.77 18.96
N ASP A 404 4.22 -28.48 20.07
CA ASP A 404 4.79 -29.53 20.92
C ASP A 404 3.80 -30.52 21.52
N VAL A 405 2.61 -30.05 21.91
CA VAL A 405 1.61 -30.92 22.53
C VAL A 405 0.61 -31.53 21.56
N ASN A 406 0.26 -30.81 20.50
CA ASN A 406 -0.69 -31.31 19.52
C ASN A 406 -0.06 -31.16 18.13
N PRO A 407 0.43 -32.26 17.56
CA PRO A 407 1.06 -32.30 16.24
C PRO A 407 0.17 -31.92 15.09
N GLU A 408 -1.15 -31.96 15.31
CA GLU A 408 -2.10 -31.63 14.26
C GLU A 408 -2.22 -30.13 14.01
N ILE A 409 -1.66 -29.34 14.90
CA ILE A 409 -1.71 -27.89 14.71
C ILE A 409 -0.29 -27.37 14.76
N THR A 410 -0.09 -26.16 14.26
CA THR A 410 1.23 -25.56 14.23
C THR A 410 1.25 -24.27 15.04
N ASP A 411 2.45 -23.84 15.41
CA ASP A 411 2.63 -22.61 16.18
C ASP A 411 2.55 -21.43 15.23
N ARG A 412 1.36 -21.21 14.71
CA ARG A 412 1.10 -20.16 13.76
C ARG A 412 -0.16 -19.35 14.09
N PHE A 413 -0.19 -18.12 13.61
CA PHE A 413 -1.32 -17.25 13.82
C PHE A 413 -1.50 -16.35 12.61
N GLU A 414 -2.63 -15.66 12.56
CA GLU A 414 -2.92 -14.68 11.53
C GLU A 414 -3.63 -13.60 12.31
N PHE A 415 -3.56 -12.36 11.85
CA PHE A 415 -4.29 -11.33 12.56
C PHE A 415 -5.18 -10.58 11.58
N PHE A 416 -6.33 -10.17 12.10
CA PHE A 416 -7.35 -9.48 11.33
C PHE A 416 -7.75 -8.18 11.98
N ILE A 417 -8.10 -7.23 11.12
CA ILE A 417 -8.53 -5.91 11.54
C ILE A 417 -9.53 -5.47 10.47
N GLY A 418 -10.71 -5.01 10.91
CA GLY A 418 -11.72 -4.58 9.95
C GLY A 418 -12.28 -5.72 9.12
N GLY A 419 -12.35 -6.92 9.69
CA GLY A 419 -12.90 -8.06 8.97
C GLY A 419 -12.03 -8.59 7.83
N ARG A 420 -10.78 -8.13 7.78
CA ARG A 420 -9.84 -8.55 6.75
C ARG A 420 -8.55 -9.05 7.36
N GLU A 421 -7.94 -10.03 6.68
CA GLU A 421 -6.68 -10.60 7.12
C GLU A 421 -5.57 -9.60 6.80
N ILE A 422 -4.80 -9.22 7.82
CA ILE A 422 -3.71 -8.26 7.63
C ILE A 422 -2.33 -8.93 7.67
N GLY A 423 -2.19 -9.98 8.46
CA GLY A 423 -0.90 -10.65 8.56
C GLY A 423 -0.95 -12.13 8.85
N ASN A 424 0.20 -12.78 8.68
CA ASN A 424 0.34 -14.22 8.86
C ASN A 424 1.74 -14.49 9.40
N GLY A 425 1.82 -15.21 10.52
CA GLY A 425 3.13 -15.48 11.09
C GLY A 425 3.18 -16.76 11.88
N PHE A 426 4.39 -17.27 12.09
CA PHE A 426 4.57 -18.49 12.86
C PHE A 426 6.01 -18.80 13.22
N SER A 427 6.18 -19.77 14.12
CA SER A 427 7.49 -20.25 14.49
C SER A 427 7.82 -21.07 13.24
N GLU A 428 9.01 -20.86 12.67
CA GLU A 428 9.36 -21.56 11.44
C GLU A 428 9.73 -23.03 11.60
N LEU A 429 9.41 -23.82 10.58
CA LEU A 429 9.75 -25.24 10.56
C LEU A 429 11.23 -25.39 10.18
N ASN A 430 12.05 -25.83 11.13
CA ASN A 430 13.48 -26.01 10.87
C ASN A 430 13.87 -27.48 10.93
N ASP A 431 12.87 -28.35 10.82
CA ASP A 431 13.06 -29.81 10.84
C ASP A 431 13.02 -30.25 9.37
N ALA A 432 14.19 -30.44 8.76
CA ALA A 432 14.31 -30.81 7.36
C ALA A 432 13.51 -32.05 6.93
N GLU A 433 13.61 -33.14 7.68
CA GLU A 433 12.89 -34.37 7.35
C GLU A 433 11.38 -34.11 7.34
N ASP A 434 10.89 -33.39 8.34
CA ASP A 434 9.48 -33.06 8.41
C ASP A 434 9.08 -32.21 7.21
N GLN A 435 9.91 -31.21 6.91
CA GLN A 435 9.64 -30.31 5.78
C GLN A 435 9.53 -31.08 4.46
N ALA A 436 10.43 -32.03 4.26
CA ALA A 436 10.42 -32.81 3.04
C ALA A 436 9.10 -33.56 2.95
N GLU A 437 8.68 -34.16 4.05
CA GLU A 437 7.43 -34.92 4.09
C GLU A 437 6.22 -34.02 3.81
N ARG A 438 6.19 -32.83 4.40
CA ARG A 438 5.08 -31.91 4.18
C ARG A 438 5.05 -31.47 2.72
N PHE A 439 6.23 -31.39 2.10
CA PHE A 439 6.32 -31.01 0.68
C PHE A 439 5.72 -32.14 -0.15
N GLN A 440 5.97 -33.38 0.27
CA GLN A 440 5.45 -34.54 -0.45
C GLN A 440 3.93 -34.56 -0.35
N GLU A 441 3.39 -34.20 0.81
CA GLU A 441 1.95 -34.17 1.00
C GLU A 441 1.35 -33.13 0.07
N GLN A 442 2.05 -32.02 -0.10
CA GLN A 442 1.61 -30.93 -0.96
C GLN A 442 1.61 -31.37 -2.43
N VAL A 443 2.59 -32.21 -2.77
CA VAL A 443 2.70 -32.72 -4.13
C VAL A 443 1.52 -33.67 -4.38
N ASN A 444 1.20 -34.50 -3.39
CA ASN A 444 0.08 -35.42 -3.52
C ASN A 444 -1.20 -34.60 -3.68
N ALA A 445 -1.33 -33.55 -2.87
CA ALA A 445 -2.51 -32.68 -2.92
C ALA A 445 -2.69 -32.07 -4.30
N LYS A 446 -1.59 -31.62 -4.91
CA LYS A 446 -1.68 -31.02 -6.23
C LYS A 446 -2.11 -32.07 -7.24
N ALA A 447 -1.63 -33.29 -7.05
CA ALA A 447 -1.97 -34.40 -7.92
C ALA A 447 -3.45 -34.77 -7.73
N ALA A 448 -3.99 -34.45 -6.56
CA ALA A 448 -5.38 -34.75 -6.26
C ALA A 448 -6.30 -33.57 -6.60
N GLY A 449 -5.77 -32.59 -7.33
CA GLY A 449 -6.61 -31.46 -7.71
C GLY A 449 -6.35 -30.07 -7.13
N ASP A 450 -5.53 -29.97 -6.09
CA ASP A 450 -5.24 -28.66 -5.49
C ASP A 450 -4.25 -27.83 -6.33
N ASP A 451 -4.77 -26.89 -7.08
CA ASP A 451 -3.97 -26.04 -7.95
C ASP A 451 -3.18 -24.98 -7.20
N GLU A 452 -3.31 -24.95 -5.87
CA GLU A 452 -2.58 -23.97 -5.09
C GLU A 452 -1.54 -24.63 -4.19
N ALA A 453 -1.51 -25.96 -4.21
CA ALA A 453 -0.56 -26.70 -3.39
C ALA A 453 0.87 -26.34 -3.80
N MET A 454 1.77 -26.42 -2.84
CA MET A 454 3.17 -26.07 -3.07
C MET A 454 3.94 -27.09 -3.92
N PHE A 455 5.05 -26.62 -4.49
CA PHE A 455 5.93 -27.43 -5.32
C PHE A 455 7.01 -27.97 -4.38
N TYR A 456 7.53 -29.16 -4.69
CA TYR A 456 8.59 -29.71 -3.86
C TYR A 456 9.83 -28.90 -4.16
N ASP A 457 10.51 -28.42 -3.13
CA ASP A 457 11.73 -27.63 -3.31
C ASP A 457 12.89 -28.33 -2.63
N GLU A 458 13.56 -29.18 -3.39
CA GLU A 458 14.69 -29.92 -2.88
C GLU A 458 15.82 -29.04 -2.34
N ASP A 459 16.15 -27.95 -3.02
CA ASP A 459 17.23 -27.11 -2.54
C ASP A 459 16.88 -26.46 -1.22
N TYR A 460 15.60 -26.15 -1.01
CA TYR A 460 15.19 -25.56 0.25
C TYR A 460 15.40 -26.60 1.36
N VAL A 461 15.00 -27.84 1.11
CA VAL A 461 15.19 -28.90 2.11
C VAL A 461 16.68 -29.03 2.44
N THR A 462 17.51 -28.97 1.40
CA THR A 462 18.96 -29.07 1.59
C THR A 462 19.45 -27.93 2.49
N ALA A 463 18.93 -26.73 2.28
CA ALA A 463 19.32 -25.59 3.11
C ALA A 463 19.00 -25.87 4.57
N LEU A 464 17.83 -26.46 4.82
CA LEU A 464 17.41 -26.80 6.19
C LEU A 464 18.32 -27.87 6.79
N GLU A 465 18.89 -28.72 5.93
CA GLU A 465 19.78 -29.77 6.41
C GLU A 465 21.09 -29.18 6.90
N TYR A 466 21.44 -27.98 6.44
CA TYR A 466 22.68 -27.36 6.89
C TYR A 466 22.39 -26.71 8.24
N GLY A 467 21.10 -26.53 8.53
CA GLY A 467 20.73 -25.97 9.82
C GLY A 467 20.15 -24.58 9.88
N LEU A 468 18.84 -24.50 10.11
CA LEU A 468 18.15 -23.21 10.25
C LEU A 468 17.91 -23.02 11.74
N PRO A 469 18.41 -21.91 12.32
CA PRO A 469 18.20 -21.65 13.75
C PRO A 469 16.71 -21.55 14.08
N PRO A 470 16.32 -21.81 15.35
CA PRO A 470 14.88 -21.68 15.61
C PRO A 470 14.56 -20.25 15.17
N THR A 471 13.47 -20.07 14.46
CA THR A 471 13.13 -18.75 13.94
C THR A 471 11.64 -18.45 13.93
N ALA A 472 11.31 -17.17 13.93
CA ALA A 472 9.93 -16.71 13.87
C ALA A 472 9.82 -15.78 12.66
N GLY A 473 8.88 -16.06 11.77
CA GLY A 473 8.71 -15.22 10.60
C GLY A 473 7.30 -14.63 10.53
N LEU A 474 7.18 -13.44 9.97
CA LEU A 474 5.88 -12.78 9.87
C LEU A 474 5.70 -12.11 8.52
N GLY A 475 4.50 -12.23 7.96
CA GLY A 475 4.20 -11.58 6.69
C GLY A 475 3.02 -10.65 6.90
N ILE A 476 3.15 -9.40 6.45
CA ILE A 476 2.09 -8.41 6.59
C ILE A 476 1.74 -7.77 5.26
N GLY A 477 0.44 -7.75 4.93
CA GLY A 477 -0.01 -7.13 3.68
C GLY A 477 0.03 -5.63 3.88
N ILE A 478 1.00 -4.98 3.23
CA ILE A 478 1.16 -3.55 3.37
C ILE A 478 -0.02 -2.73 2.85
N ASP A 479 -0.59 -3.12 1.72
CA ASP A 479 -1.74 -2.38 1.19
C ASP A 479 -2.91 -2.45 2.18
N ARG A 480 -3.20 -3.66 2.68
CA ARG A 480 -4.30 -3.86 3.64
C ARG A 480 -4.06 -3.02 4.90
N MET A 481 -2.80 -2.90 5.29
CA MET A 481 -2.42 -2.12 6.45
C MET A 481 -2.62 -0.63 6.17
N ILE A 482 -2.28 -0.19 4.97
CA ILE A 482 -2.42 1.22 4.60
C ILE A 482 -3.89 1.65 4.64
N MET A 483 -4.79 0.73 4.30
CA MET A 483 -6.22 1.00 4.30
C MET A 483 -6.69 1.42 5.68
N LEU A 484 -6.21 0.72 6.72
CA LEU A 484 -6.61 1.01 8.09
C LEU A 484 -6.12 2.36 8.60
N PHE A 485 -5.03 2.86 8.04
CA PHE A 485 -4.45 4.14 8.48
C PHE A 485 -4.90 5.34 7.65
N THR A 486 -5.67 5.09 6.60
CA THR A 486 -6.15 6.15 5.73
C THR A 486 -7.66 6.08 5.54
N ASN A 487 -8.33 5.31 6.40
CA ASN A 487 -9.77 5.15 6.32
C ASN A 487 -10.23 4.80 4.89
N SER A 488 -9.48 3.93 4.20
CA SER A 488 -9.86 3.53 2.84
C SER A 488 -10.59 2.21 2.97
N HIS A 489 -11.64 2.02 2.18
CA HIS A 489 -12.42 0.80 2.29
C HIS A 489 -12.35 -0.11 1.09
N THR A 490 -11.39 0.18 0.22
CA THR A 490 -11.13 -0.65 -0.93
C THR A 490 -9.62 -0.55 -1.13
N ILE A 491 -8.99 -1.67 -1.46
CA ILE A 491 -7.57 -1.68 -1.67
C ILE A 491 -7.19 -0.77 -2.83
N ARG A 492 -8.13 -0.56 -3.76
CA ARG A 492 -7.88 0.28 -4.93
C ARG A 492 -7.63 1.73 -4.57
N ASP A 493 -7.91 2.10 -3.32
CA ASP A 493 -7.69 3.48 -2.88
C ASP A 493 -6.31 3.72 -2.29
N VAL A 494 -5.53 2.64 -2.11
CA VAL A 494 -4.20 2.78 -1.53
C VAL A 494 -3.07 2.30 -2.45
N ILE A 495 -3.42 1.91 -3.66
CA ILE A 495 -2.46 1.46 -4.65
C ILE A 495 -2.58 2.51 -5.75
N LEU A 496 -1.47 3.20 -6.07
CA LEU A 496 -1.49 4.24 -7.08
C LEU A 496 -2.14 3.83 -8.39
N PHE A 497 -1.73 2.69 -8.93
CA PHE A 497 -2.28 2.20 -10.18
C PHE A 497 -2.81 0.79 -10.03
N PRO A 498 -4.01 0.67 -9.43
CA PRO A 498 -4.63 -0.65 -9.22
C PRO A 498 -4.93 -1.38 -10.51
N ALA A 499 -4.92 -2.71 -10.46
CA ALA A 499 -5.23 -3.52 -11.62
C ALA A 499 -6.69 -3.28 -12.01
N MET A 500 -6.95 -3.03 -13.29
CA MET A 500 -8.32 -2.78 -13.68
C MET A 500 -8.77 -3.64 -14.87
N ARG A 501 -10.07 -3.93 -14.92
CA ARG A 501 -10.64 -4.72 -15.99
C ARG A 501 -10.52 -3.93 -17.29
N PRO A 502 -10.07 -4.59 -18.37
CA PRO A 502 -9.90 -3.95 -19.68
C PRO A 502 -11.10 -3.13 -20.11
#